data_9QVL
#
_entry.id   9QVL
#
_cell.length_a   60.770
_cell.length_b   63.620
_cell.length_c   83.810
_cell.angle_alpha   90.00
_cell.angle_beta   90.00
_cell.angle_gamma   90.00
#
_symmetry.space_group_name_H-M   'P 21 21 21'
#
loop_
_entity.id
_entity.type
_entity.pdbx_description
1 polymer 'Butirosin biosynthesis protein H N-terminal domain-containing protein'
2 non-polymer 'NICKEL (II) ION'
3 non-polymer IMIDAZOLE
4 non-polymer 2-AMINO-2-HYDROXYMETHYL-PROPANE-1,3-DIOL
5 water water
#
_entity_poly.entity_id   1
_entity_poly.type   'polypeptide(L)'
_entity_poly.pdbx_seq_one_letter_code
;GSHMASMLLDTFQGYNAYSSALGEYAKQKNIDQVENIILSQWSFFFDEEQFYKNQWYTGAADGPVDVVLNEDLRNFANIE
VLEHISSESQAIDEGRKVLEKHGLQIVLMDFYYMNSFNWKSLSRFNVTREHDPHFAVLTQINENSVHIIDPYYHHEENMS
MEDFIKSRNSMTKQGKISFNSYEIFSNGTKKSNIKELLYYRFNRYLQEKMFGKITQFGQVVKKQLDNKDRKWAFTGYNCL
NSVVYQHQNLINLQKKFSLEMPPNLQELLDNWALIRKKLFEYYSRGSYNTEEISNLICKVASSEEQFAQEVLKVL
;
_entity_poly.pdbx_strand_id   A
#
loop_
_chem_comp.id
_chem_comp.type
_chem_comp.name
_chem_comp.formula
IMD non-polymer IMIDAZOLE 'C3 H5 N2 1'
NI non-polymer 'NICKEL (II) ION' 'Ni 2'
TRS non-polymer 2-AMINO-2-HYDROXYMETHYL-PROPANE-1,3-DIOL 'C4 H12 N O3 1'
#
# COMPACT_ATOMS: atom_id res chain seq x y z
N HIS A 3 -10.03 16.73 11.98
CA HIS A 3 -10.44 15.34 11.57
C HIS A 3 -11.93 15.34 11.17
N MET A 4 -12.28 14.46 10.23
CA MET A 4 -13.52 14.49 9.41
C MET A 4 -14.76 14.17 10.26
N ALA A 5 -15.85 14.93 10.06
CA ALA A 5 -17.14 14.80 10.77
C ALA A 5 -17.98 13.67 10.14
N SER A 6 -18.16 13.72 8.81
CA SER A 6 -19.06 12.84 8.01
C SER A 6 -18.66 11.38 8.17
N MET A 7 -19.43 10.47 7.58
CA MET A 7 -19.08 9.03 7.45
C MET A 7 -17.85 8.90 6.55
N LEU A 8 -17.20 7.73 6.57
CA LEU A 8 -16.05 7.42 5.69
C LEU A 8 -16.48 7.52 4.23
N LEU A 9 -15.53 7.84 3.34
CA LEU A 9 -15.75 7.87 1.88
C LEU A 9 -15.64 6.44 1.34
N ASP A 10 -16.38 6.13 0.27
CA ASP A 10 -16.30 4.81 -0.42
C ASP A 10 -15.16 4.84 -1.43
N THR A 11 -13.94 5.20 -0.99
CA THR A 11 -12.76 5.30 -1.87
C THR A 11 -12.19 3.91 -2.11
N PHE A 12 -11.56 3.72 -3.28
CA PHE A 12 -10.90 2.47 -3.71
C PHE A 12 -9.77 2.15 -2.71
N GLN A 13 -9.77 0.93 -2.18
CA GLN A 13 -8.82 0.49 -1.12
C GLN A 13 -7.47 0.11 -1.73
N GLY A 14 -7.47 -0.60 -2.87
CA GLY A 14 -6.26 -1.22 -3.45
C GLY A 14 -5.62 -2.17 -2.45
N TYR A 15 -4.30 -2.20 -2.37
CA TYR A 15 -3.56 -3.01 -1.36
C TYR A 15 -2.50 -2.18 -0.63
N ASN A 16 -2.32 -0.91 -0.99
CA ASN A 16 -1.39 0.03 -0.30
C ASN A 16 -1.79 1.46 -0.67
N ALA A 17 -1.14 2.46 -0.06
CA ALA A 17 -1.49 3.90 -0.21
C ALA A 17 -1.38 4.29 -1.68
N TYR A 18 -0.33 3.83 -2.36
CA TYR A 18 -0.03 4.18 -3.77
C TYR A 18 -1.12 3.61 -4.68
N SER A 19 -1.35 2.30 -4.59
CA SER A 19 -2.36 1.57 -5.41
C SER A 19 -3.76 2.11 -5.11
N SER A 20 -4.05 2.48 -3.85
CA SER A 20 -5.33 3.12 -3.46
C SER A 20 -5.54 4.40 -4.26
N ALA A 21 -4.54 5.28 -4.29
CA ALA A 21 -4.62 6.61 -4.96
C ALA A 21 -4.78 6.42 -6.48
N LEU A 22 -3.98 5.54 -7.09
CA LEU A 22 -4.04 5.26 -8.55
C LEU A 22 -5.44 4.75 -8.91
N GLY A 23 -5.94 3.77 -8.15
CA GLY A 23 -7.24 3.12 -8.38
C GLY A 23 -8.40 4.09 -8.18
N GLU A 24 -8.34 4.94 -7.16
CA GLU A 24 -9.40 5.94 -6.87
C GLU A 24 -9.42 6.99 -8.00
N TYR A 25 -8.24 7.43 -8.44
CA TYR A 25 -8.07 8.37 -9.57
C TYR A 25 -8.70 7.77 -10.83
N ALA A 26 -8.37 6.50 -11.12
CA ALA A 26 -8.83 5.74 -12.30
C ALA A 26 -10.36 5.62 -12.25
N LYS A 27 -10.92 5.31 -11.08
CA LYS A 27 -12.38 5.15 -10.86
C LYS A 27 -13.09 6.48 -11.18
N GLN A 28 -12.61 7.60 -10.62
CA GLN A 28 -13.25 8.93 -10.77
C GLN A 28 -13.16 9.41 -12.23
N LYS A 29 -12.09 9.05 -12.93
CA LYS A 29 -11.81 9.58 -14.30
C LYS A 29 -12.12 8.52 -15.37
N ASN A 30 -12.76 7.40 -15.00
CA ASN A 30 -13.26 6.37 -15.96
C ASN A 30 -12.09 5.80 -16.77
N ILE A 31 -10.92 5.60 -16.15
CA ILE A 31 -9.75 4.92 -16.78
C ILE A 31 -9.89 3.43 -16.52
N ASP A 32 -10.11 2.62 -17.57
CA ASP A 32 -10.30 1.15 -17.44
C ASP A 32 -8.95 0.49 -17.16
N GLN A 33 -8.97 -0.81 -16.81
CA GLN A 33 -7.79 -1.70 -16.61
C GLN A 33 -7.12 -1.46 -15.25
N VAL A 34 -6.97 -0.21 -14.81
CA VAL A 34 -6.11 0.16 -13.63
C VAL A 34 -6.59 -0.64 -12.41
N GLU A 35 -7.88 -0.61 -12.12
CA GLU A 35 -8.48 -1.28 -10.93
C GLU A 35 -8.22 -2.79 -10.99
N ASN A 36 -8.50 -3.45 -12.12
CA ASN A 36 -8.32 -4.91 -12.27
C ASN A 36 -6.84 -5.30 -12.13
N ILE A 37 -5.93 -4.48 -12.64
CA ILE A 37 -4.46 -4.74 -12.57
C ILE A 37 -4.04 -4.65 -11.09
N ILE A 38 -4.60 -3.70 -10.34
CA ILE A 38 -4.31 -3.52 -8.88
C ILE A 38 -4.89 -4.71 -8.10
N LEU A 39 -6.15 -5.09 -8.37
CA LEU A 39 -6.90 -6.09 -7.57
C LEU A 39 -6.40 -7.51 -7.86
N SER A 40 -5.60 -7.71 -8.92
CA SER A 40 -5.05 -9.03 -9.33
C SER A 40 -3.56 -9.14 -8.96
N GLN A 41 -3.00 -8.12 -8.30
CA GLN A 41 -1.58 -8.13 -7.88
C GLN A 41 -1.38 -9.25 -6.87
N TRP A 42 -0.26 -9.96 -6.96
CA TRP A 42 0.14 -11.03 -6.02
C TRP A 42 1.65 -10.93 -5.81
N SER A 43 2.07 -10.38 -4.68
CA SER A 43 3.49 -10.00 -4.47
C SER A 43 3.85 -10.09 -2.98
N PHE A 44 5.13 -10.33 -2.71
CA PHE A 44 5.73 -10.26 -1.37
C PHE A 44 7.19 -9.85 -1.52
N PHE A 45 7.66 -8.94 -0.65
CA PHE A 45 9.07 -8.51 -0.58
C PHE A 45 9.53 -8.56 0.87
N PHE A 46 10.83 -8.77 1.07
CA PHE A 46 11.50 -8.66 2.38
C PHE A 46 12.90 -8.09 2.16
N ASP A 47 13.19 -6.98 2.85
CA ASP A 47 14.50 -6.29 2.82
C ASP A 47 15.07 -6.32 4.24
N GLU A 48 15.99 -7.25 4.50
CA GLU A 48 16.63 -7.47 5.83
C GLU A 48 17.40 -6.21 6.24
N GLU A 49 17.92 -5.45 5.28
CA GLU A 49 18.63 -4.15 5.54
C GLU A 49 17.62 -3.14 6.10
N GLN A 50 16.45 -3.02 5.48
CA GLN A 50 15.37 -2.08 5.92
C GLN A 50 14.87 -2.49 7.31
N PHE A 51 14.85 -3.79 7.61
CA PHE A 51 14.40 -4.36 8.90
C PHE A 51 15.21 -3.73 10.04
N TYR A 52 16.54 -3.72 9.91
CA TYR A 52 17.48 -3.30 10.98
C TYR A 52 17.65 -1.77 10.97
N LYS A 53 16.98 -1.07 10.04
CA LYS A 53 16.80 0.40 10.06
C LYS A 53 15.38 0.76 10.53
N ASN A 54 14.58 -0.25 10.89
CA ASN A 54 13.13 -0.15 11.24
C ASN A 54 12.42 0.77 10.24
N GLN A 55 12.72 0.62 8.94
CA GLN A 55 11.91 1.17 7.82
C GLN A 55 10.90 0.08 7.41
N TRP A 56 10.02 0.37 6.47
CA TRP A 56 8.97 -0.58 6.00
C TRP A 56 9.63 -1.70 5.20
N TYR A 57 9.83 -2.85 5.82
CA TYR A 57 10.80 -3.89 5.41
C TYR A 57 10.12 -5.09 4.75
N THR A 58 8.80 -5.13 4.72
CA THR A 58 8.06 -6.31 4.16
C THR A 58 6.67 -5.89 3.70
N GLY A 59 5.89 -6.88 3.26
CA GLY A 59 4.53 -6.69 2.74
C GLY A 59 4.47 -6.95 1.24
N ALA A 60 3.41 -6.48 0.60
CA ALA A 60 3.11 -6.73 -0.83
C ALA A 60 4.21 -6.11 -1.70
N ALA A 61 4.65 -4.90 -1.37
CA ALA A 61 5.48 -4.06 -2.27
C ALA A 61 6.37 -3.11 -1.45
N ASP A 62 7.59 -2.89 -1.94
CA ASP A 62 8.47 -1.76 -1.52
C ASP A 62 7.75 -0.47 -1.91
N GLY A 63 8.19 0.67 -1.40
CA GLY A 63 7.52 1.96 -1.62
C GLY A 63 8.38 3.14 -1.22
N PRO A 64 7.80 4.36 -1.09
CA PRO A 64 6.36 4.59 -1.26
C PRO A 64 5.80 4.31 -2.66
N VAL A 65 6.54 4.67 -3.72
CA VAL A 65 6.11 4.40 -5.12
C VAL A 65 6.25 2.88 -5.38
N ASP A 66 5.17 2.24 -5.81
CA ASP A 66 5.11 0.79 -6.10
C ASP A 66 5.59 0.57 -7.54
N VAL A 67 6.90 0.35 -7.70
CA VAL A 67 7.58 0.26 -9.03
C VAL A 67 7.09 -0.97 -9.78
N VAL A 68 6.86 -2.10 -9.08
CA VAL A 68 6.38 -3.36 -9.72
C VAL A 68 4.98 -3.11 -10.30
N LEU A 69 4.11 -2.41 -9.57
CA LEU A 69 2.75 -2.05 -10.06
C LEU A 69 2.88 -1.16 -11.30
N ASN A 70 3.80 -0.19 -11.27
CA ASN A 70 4.06 0.72 -12.43
C ASN A 70 4.41 -0.13 -13.66
N GLU A 71 5.27 -1.14 -13.49
CA GLU A 71 5.71 -2.07 -14.58
C GLU A 71 4.50 -2.85 -15.10
N ASP A 72 3.65 -3.34 -14.19
CA ASP A 72 2.43 -4.11 -14.53
C ASP A 72 1.47 -3.24 -15.34
N LEU A 73 1.25 -1.99 -14.92
CA LEU A 73 0.36 -1.03 -15.64
C LEU A 73 0.90 -0.77 -17.06
N ARG A 74 2.22 -0.63 -17.21
CA ARG A 74 2.85 -0.42 -18.54
C ARG A 74 2.69 -1.67 -19.39
N ASN A 75 3.00 -2.84 -18.83
CA ASN A 75 3.09 -4.13 -19.55
C ASN A 75 1.68 -4.62 -19.95
N PHE A 76 0.68 -4.48 -19.08
CA PHE A 76 -0.68 -5.04 -19.29
C PHE A 76 -1.60 -4.05 -20.01
N ALA A 77 -1.49 -2.74 -19.75
CA ALA A 77 -2.47 -1.72 -20.20
C ALA A 77 -1.80 -0.60 -21.03
N ASN A 78 -0.47 -0.64 -21.20
CA ASN A 78 0.30 0.45 -21.86
C ASN A 78 -0.01 1.78 -21.15
N ILE A 79 -0.20 1.73 -19.82
CA ILE A 79 -0.40 2.96 -18.99
C ILE A 79 0.93 3.24 -18.28
N GLU A 80 1.44 4.46 -18.45
CA GLU A 80 2.70 4.94 -17.83
C GLU A 80 2.33 5.89 -16.69
N VAL A 81 2.82 5.61 -15.48
CA VAL A 81 2.67 6.51 -14.30
C VAL A 81 3.99 7.27 -14.14
N LEU A 82 4.00 8.55 -14.53
CA LEU A 82 5.19 9.43 -14.50
C LEU A 82 5.25 10.17 -13.16
N GLU A 83 6.37 10.06 -12.45
CA GLU A 83 6.61 10.82 -11.19
C GLU A 83 7.24 12.16 -11.56
N HIS A 84 6.48 13.25 -11.39
CA HIS A 84 6.96 14.64 -11.57
C HIS A 84 7.48 15.15 -10.22
N ILE A 85 8.50 16.01 -10.27
CA ILE A 85 9.01 16.75 -9.09
C ILE A 85 8.81 18.23 -9.38
N SER A 86 8.47 19.02 -8.35
CA SER A 86 8.26 20.48 -8.48
C SER A 86 9.00 21.19 -7.33
N SER A 87 8.68 22.45 -7.12
CA SER A 87 9.41 23.37 -6.22
C SER A 87 8.40 24.17 -5.39
N GLU A 88 8.89 24.78 -4.32
CA GLU A 88 8.06 25.60 -3.40
C GLU A 88 7.37 26.73 -4.18
N SER A 89 8.05 27.34 -5.16
CA SER A 89 7.55 28.52 -5.90
C SER A 89 6.60 28.12 -7.04
N GLN A 90 6.57 26.84 -7.43
CA GLN A 90 5.88 26.39 -8.69
C GLN A 90 4.75 25.38 -8.41
N ALA A 91 4.78 24.64 -7.30
CA ALA A 91 3.94 23.45 -7.09
C ALA A 91 2.45 23.80 -7.19
N ILE A 92 2.02 24.93 -6.60
CA ILE A 92 0.58 25.29 -6.50
C ILE A 92 0.07 25.71 -7.89
N ASP A 93 0.81 26.56 -8.61
CA ASP A 93 0.43 26.98 -9.99
C ASP A 93 0.31 25.74 -10.88
N GLU A 94 1.23 24.79 -10.74
CA GLU A 94 1.25 23.53 -11.54
C GLU A 94 0.03 22.69 -11.16
N GLY A 95 -0.35 22.68 -9.88
CA GLY A 95 -1.60 22.06 -9.39
C GLY A 95 -2.82 22.67 -10.04
N ARG A 96 -2.87 24.01 -10.13
CA ARG A 96 -4.02 24.74 -10.75
C ARG A 96 -4.17 24.27 -12.20
N LYS A 97 -3.07 24.19 -12.95
CA LYS A 97 -3.07 23.72 -14.36
C LYS A 97 -3.58 22.27 -14.41
N VAL A 98 -3.11 21.40 -13.53
CA VAL A 98 -3.51 19.96 -13.52
C VAL A 98 -5.01 19.87 -13.22
N LEU A 99 -5.49 20.61 -12.23
CA LEU A 99 -6.91 20.54 -11.80
C LEU A 99 -7.82 21.05 -12.93
N GLU A 100 -7.41 22.11 -13.65
CA GLU A 100 -8.24 22.66 -14.77
C GLU A 100 -8.36 21.60 -15.87
N LYS A 101 -7.30 20.83 -16.12
CA LYS A 101 -7.24 19.84 -17.22
C LYS A 101 -7.86 18.50 -16.77
N HIS A 102 -7.53 18.01 -15.57
CA HIS A 102 -7.82 16.62 -15.11
C HIS A 102 -8.81 16.57 -13.94
N GLY A 103 -8.94 17.64 -13.15
CA GLY A 103 -9.84 17.71 -11.99
C GLY A 103 -9.22 17.12 -10.73
N LEU A 104 -8.15 16.33 -10.85
CA LEU A 104 -7.45 15.64 -9.73
C LEU A 104 -5.93 15.70 -9.94
N GLN A 105 -5.18 15.81 -8.85
CA GLN A 105 -3.70 15.65 -8.85
C GLN A 105 -3.32 14.68 -7.74
N ILE A 106 -2.67 13.56 -8.10
CA ILE A 106 -2.10 12.58 -7.13
C ILE A 106 -0.79 13.17 -6.60
N VAL A 107 -0.69 13.37 -5.29
CA VAL A 107 0.48 14.05 -4.65
C VAL A 107 1.05 13.15 -3.55
N LEU A 108 2.37 13.14 -3.44
CA LEU A 108 3.12 12.53 -2.33
C LEU A 108 3.06 13.49 -1.15
N MET A 109 2.63 13.03 0.02
CA MET A 109 2.51 13.92 1.19
C MET A 109 3.12 13.24 2.42
N ASP A 110 3.57 14.07 3.35
CA ASP A 110 3.99 13.62 4.70
C ASP A 110 2.71 13.47 5.54
N PHE A 111 2.37 12.23 5.88
CA PHE A 111 1.14 11.82 6.62
C PHE A 111 1.07 12.57 7.96
N TYR A 112 2.22 12.96 8.53
CA TYR A 112 2.30 13.75 9.79
C TYR A 112 1.30 14.90 9.77
N TYR A 113 1.16 15.59 8.62
CA TYR A 113 0.38 16.84 8.46
C TYR A 113 -1.09 16.56 8.10
N MET A 114 -1.41 15.32 7.73
CA MET A 114 -2.79 14.92 7.36
C MET A 114 -3.58 14.57 8.63
N ASN A 115 -4.91 14.56 8.54
CA ASN A 115 -5.82 14.42 9.70
C ASN A 115 -6.79 13.26 9.45
N SER A 116 -6.39 12.29 8.64
CA SER A 116 -7.11 11.00 8.46
C SER A 116 -7.09 10.23 9.80
N PHE A 117 -6.02 10.43 10.55
CA PHE A 117 -5.93 9.88 11.93
C PHE A 117 -6.30 11.04 12.87
N ASN A 118 -7.16 10.76 13.84
CA ASN A 118 -7.53 11.76 14.85
C ASN A 118 -6.43 11.78 15.92
N TRP A 119 -5.38 12.54 15.69
CA TRP A 119 -4.19 12.56 16.58
C TRP A 119 -4.58 12.88 18.03
N LYS A 120 -5.45 13.85 18.24
CA LYS A 120 -5.87 14.24 19.61
C LYS A 120 -6.41 13.01 20.34
N SER A 121 -7.39 12.34 19.77
CA SER A 121 -8.00 11.16 20.44
C SER A 121 -7.04 9.98 20.55
N LEU A 122 -6.07 9.86 19.65
CA LEU A 122 -5.20 8.68 19.61
C LEU A 122 -4.08 8.80 20.65
N SER A 123 -3.83 10.02 21.09
CA SER A 123 -2.79 10.30 22.11
C SER A 123 -2.93 9.29 23.26
N ARG A 124 -4.17 9.18 23.74
CA ARG A 124 -4.55 8.30 24.89
C ARG A 124 -3.92 6.91 24.75
N PHE A 125 -3.81 6.38 23.52
CA PHE A 125 -3.45 4.97 23.23
C PHE A 125 -1.96 4.81 22.90
N ASN A 126 -1.13 5.81 23.23
CA ASN A 126 0.35 5.76 23.08
C ASN A 126 0.73 5.67 21.60
N VAL A 127 -0.07 6.29 20.73
CA VAL A 127 0.22 6.42 19.27
C VAL A 127 1.18 7.60 19.11
N THR A 128 2.24 7.43 18.30
CA THR A 128 3.18 8.50 17.90
C THR A 128 2.75 9.05 16.53
N ARG A 129 2.99 10.34 16.32
CA ARG A 129 2.70 11.05 15.05
C ARG A 129 3.98 11.11 14.22
N GLU A 130 4.11 10.22 13.23
CA GLU A 130 5.39 9.93 12.52
C GLU A 130 5.37 10.61 11.15
N HIS A 131 6.56 10.93 10.64
CA HIS A 131 6.80 11.48 9.28
C HIS A 131 6.90 10.30 8.30
N ASP A 132 5.75 9.80 7.85
CA ASP A 132 5.62 8.68 6.88
C ASP A 132 5.17 9.27 5.54
N PRO A 133 5.69 8.77 4.40
CA PRO A 133 5.17 9.18 3.10
C PRO A 133 3.80 8.52 2.90
N HIS A 134 2.89 9.25 2.26
CA HIS A 134 1.52 8.80 1.93
C HIS A 134 1.13 9.43 0.58
N PHE A 135 0.04 8.94 -0.01
CA PHE A 135 -0.50 9.47 -1.28
C PHE A 135 -1.90 10.01 -1.02
N ALA A 136 -2.13 11.25 -1.43
CA ALA A 136 -3.43 11.93 -1.39
C ALA A 136 -3.80 12.33 -2.81
N VAL A 137 -5.07 12.67 -3.00
CA VAL A 137 -5.61 13.21 -4.28
C VAL A 137 -6.11 14.63 -4.01
N LEU A 138 -5.42 15.62 -4.57
CA LEU A 138 -5.84 17.05 -4.54
C LEU A 138 -7.04 17.19 -5.48
N THR A 139 -8.13 17.79 -5.01
CA THR A 139 -9.38 17.98 -5.80
C THR A 139 -9.67 19.47 -6.00
N GLN A 140 -9.17 20.36 -5.13
CA GLN A 140 -9.52 21.80 -5.18
C GLN A 140 -8.42 22.63 -4.54
N ILE A 141 -8.06 23.75 -5.18
CA ILE A 141 -7.14 24.79 -4.66
C ILE A 141 -7.95 26.08 -4.46
N ASN A 142 -7.97 26.59 -3.24
CA ASN A 142 -8.66 27.84 -2.88
C ASN A 142 -7.64 28.92 -2.55
N GLU A 143 -8.11 30.09 -2.15
CA GLU A 143 -7.20 31.22 -1.87
C GLU A 143 -6.18 30.84 -0.81
N ASN A 144 -6.60 30.31 0.35
CA ASN A 144 -5.63 30.00 1.43
C ASN A 144 -5.67 28.53 1.89
N SER A 145 -6.29 27.64 1.11
CA SER A 145 -6.41 26.22 1.52
C SER A 145 -6.61 25.33 0.28
N VAL A 146 -6.51 24.03 0.50
CA VAL A 146 -6.77 23.01 -0.56
C VAL A 146 -7.70 21.94 0.02
N HIS A 147 -8.39 21.22 -0.86
CA HIS A 147 -9.18 20.02 -0.50
C HIS A 147 -8.45 18.78 -1.01
N ILE A 148 -8.20 17.81 -0.13
CA ILE A 148 -7.55 16.52 -0.48
C ILE A 148 -8.44 15.36 -0.03
N ILE A 149 -8.40 14.28 -0.81
CA ILE A 149 -8.95 12.95 -0.43
C ILE A 149 -7.76 12.06 -0.05
N ASP A 150 -7.91 11.29 1.02
CA ASP A 150 -7.01 10.19 1.41
C ASP A 150 -7.74 8.90 1.07
N PRO A 151 -7.53 8.32 -0.13
CA PRO A 151 -8.31 7.15 -0.56
C PRO A 151 -8.05 5.92 0.32
N TYR A 152 -6.81 5.75 0.78
CA TYR A 152 -6.38 4.54 1.53
C TYR A 152 -7.13 4.47 2.87
N TYR A 153 -7.32 5.62 3.53
CA TYR A 153 -7.98 5.71 4.86
C TYR A 153 -9.41 6.25 4.75
N HIS A 154 -9.88 6.56 3.54
CA HIS A 154 -11.32 6.86 3.25
C HIS A 154 -11.73 8.16 3.95
N HIS A 155 -10.79 9.12 4.03
CA HIS A 155 -11.00 10.44 4.66
C HIS A 155 -10.79 11.53 3.61
N GLU A 156 -11.30 12.72 3.88
CA GLU A 156 -10.97 13.95 3.12
C GLU A 156 -10.86 15.09 4.14
N GLU A 157 -10.18 16.17 3.76
CA GLU A 157 -10.02 17.35 4.64
C GLU A 157 -9.68 18.59 3.81
N ASN A 158 -10.00 19.76 4.36
CA ASN A 158 -9.46 21.07 3.93
C ASN A 158 -8.19 21.31 4.73
N MET A 159 -7.05 21.43 4.04
CA MET A 159 -5.72 21.67 4.63
C MET A 159 -5.30 23.10 4.29
N SER A 160 -4.71 23.82 5.25
CA SER A 160 -4.15 25.18 5.02
C SER A 160 -3.10 25.09 3.90
N MET A 161 -2.97 26.14 3.09
CA MET A 161 -1.93 26.24 2.05
C MET A 161 -0.56 26.03 2.70
N GLU A 162 -0.33 26.64 3.87
CA GLU A 162 0.94 26.53 4.63
C GLU A 162 1.25 25.05 4.93
N ASP A 163 0.27 24.30 5.46
CA ASP A 163 0.46 22.88 5.87
C ASP A 163 0.65 22.00 4.64
N PHE A 164 -0.10 22.27 3.56
CA PHE A 164 -0.03 21.51 2.29
C PHE A 164 1.39 21.62 1.72
N ILE A 165 1.93 22.84 1.63
CA ILE A 165 3.30 23.11 1.12
C ILE A 165 4.32 22.43 2.04
N LYS A 166 4.15 22.56 3.37
CA LYS A 166 5.04 21.93 4.37
C LYS A 166 5.05 20.40 4.15
N SER A 167 3.87 19.78 4.01
CA SER A 167 3.71 18.31 3.88
C SER A 167 4.43 17.82 2.62
N ARG A 168 4.42 18.63 1.56
CA ARG A 168 4.95 18.25 0.22
C ARG A 168 6.42 18.65 0.08
N ASN A 169 7.03 19.22 1.12
CA ASN A 169 8.47 19.61 1.09
C ASN A 169 9.21 18.97 2.27
N SER A 170 8.58 17.99 2.93
CA SER A 170 9.05 17.44 4.23
C SER A 170 10.05 16.29 4.00
N MET A 171 11.01 16.15 4.90
CA MET A 171 11.83 14.92 5.06
C MET A 171 11.00 13.91 5.86
N THR A 172 10.86 12.69 5.34
CA THR A 172 10.18 11.56 6.01
C THR A 172 11.21 10.51 6.43
N LYS A 173 10.78 9.50 7.19
CA LYS A 173 11.63 8.35 7.61
C LYS A 173 12.18 7.61 6.40
N GLN A 174 11.56 7.75 5.22
CA GLN A 174 11.92 6.99 3.98
C GLN A 174 12.64 7.89 2.97
N GLY A 175 12.72 9.20 3.21
CA GLY A 175 13.39 10.15 2.31
C GLY A 175 12.60 11.42 2.08
N LYS A 176 13.08 12.27 1.16
CA LYS A 176 12.64 13.66 0.99
C LYS A 176 11.51 13.72 -0.03
N ILE A 177 10.47 14.50 0.28
CA ILE A 177 9.40 14.90 -0.68
C ILE A 177 9.75 16.28 -1.24
N SER A 178 9.70 16.44 -2.56
CA SER A 178 9.81 17.75 -3.25
C SER A 178 8.63 17.91 -4.22
N PHE A 179 7.41 17.96 -3.66
CA PHE A 179 6.15 18.30 -4.37
C PHE A 179 5.86 17.24 -5.45
N ASN A 180 6.32 16.00 -5.21
CA ASN A 180 6.17 14.86 -6.16
C ASN A 180 4.70 14.68 -6.50
N SER A 181 4.39 14.51 -7.78
CA SER A 181 3.02 14.24 -8.28
C SER A 181 3.09 13.16 -9.36
N TYR A 182 1.96 12.54 -9.69
CA TYR A 182 1.90 11.31 -10.52
C TYR A 182 0.90 11.51 -11.64
N GLU A 183 1.43 11.60 -12.87
CA GLU A 183 0.67 11.75 -14.13
C GLU A 183 0.40 10.34 -14.67
N ILE A 184 -0.86 10.02 -14.95
CA ILE A 184 -1.27 8.73 -15.57
C ILE A 184 -1.45 9.01 -17.07
N PHE A 185 -0.67 8.34 -17.91
CA PHE A 185 -0.51 8.62 -19.36
C PHE A 185 -0.59 7.32 -20.16
N SER A 186 -1.17 7.39 -21.36
CA SER A 186 -1.16 6.32 -22.38
C SER A 186 -1.06 6.95 -23.77
N ASN A 187 -0.18 6.41 -24.62
CA ASN A 187 -0.09 6.76 -26.07
C ASN A 187 -1.00 5.81 -26.86
N GLY A 188 -1.78 5.00 -26.16
CA GLY A 188 -2.67 3.97 -26.73
C GLY A 188 -2.85 2.82 -25.76
N THR A 189 -3.93 2.86 -24.96
CA THR A 189 -4.23 1.85 -23.90
C THR A 189 -4.42 0.48 -24.54
N LYS A 190 -4.19 -0.58 -23.76
CA LYS A 190 -4.29 -2.00 -24.18
C LYS A 190 -5.22 -2.72 -23.20
N LYS A 191 -6.02 -3.67 -23.69
CA LYS A 191 -7.00 -4.43 -22.88
C LYS A 191 -6.33 -5.71 -22.36
N SER A 192 -6.29 -5.88 -21.04
CA SER A 192 -5.84 -7.14 -20.39
C SER A 192 -7.07 -7.94 -19.97
N ASN A 193 -6.87 -9.18 -19.51
CA ASN A 193 -7.95 -10.06 -19.03
C ASN A 193 -7.53 -10.67 -17.69
N ILE A 194 -8.51 -11.10 -16.89
CA ILE A 194 -8.29 -11.53 -15.48
C ILE A 194 -7.35 -12.74 -15.47
N LYS A 195 -7.56 -13.71 -16.35
CA LYS A 195 -6.79 -14.99 -16.36
C LYS A 195 -5.33 -14.69 -16.68
N GLU A 196 -5.06 -13.78 -17.63
CA GLU A 196 -3.69 -13.33 -18.03
C GLU A 196 -3.02 -12.64 -16.84
N LEU A 197 -3.74 -11.72 -16.19
CA LEU A 197 -3.22 -10.93 -15.05
C LEU A 197 -2.81 -11.87 -13.91
N LEU A 198 -3.62 -12.88 -13.61
CA LEU A 198 -3.35 -13.85 -12.51
C LEU A 198 -2.24 -14.81 -12.93
N TYR A 199 -2.29 -15.36 -14.15
CA TYR A 199 -1.27 -16.31 -14.67
C TYR A 199 0.12 -15.67 -14.56
N TYR A 200 0.28 -14.45 -15.06
CA TYR A 200 1.57 -13.70 -15.07
C TYR A 200 2.04 -13.44 -13.63
N ARG A 201 1.12 -12.98 -12.77
CA ARG A 201 1.43 -12.64 -11.36
C ARG A 201 1.91 -13.90 -10.61
N PHE A 202 1.20 -15.02 -10.74
CA PHE A 202 1.46 -16.25 -9.96
C PHE A 202 2.71 -16.95 -10.50
N ASN A 203 2.92 -16.89 -11.81
CA ASN A 203 4.16 -17.37 -12.46
C ASN A 203 5.35 -16.58 -11.90
N ARG A 204 5.26 -15.24 -11.89
CA ARG A 204 6.33 -14.34 -11.39
C ARG A 204 6.61 -14.64 -9.91
N TYR A 205 5.55 -14.84 -9.11
CA TYR A 205 5.62 -15.12 -7.65
C TYR A 205 6.51 -16.35 -7.42
N LEU A 206 6.28 -17.42 -8.18
CA LEU A 206 7.04 -18.70 -8.05
C LEU A 206 8.45 -18.53 -8.63
N GLN A 207 8.57 -17.93 -9.83
CA GLN A 207 9.87 -17.79 -10.54
C GLN A 207 10.83 -16.91 -9.71
N GLU A 208 10.32 -15.86 -9.08
CA GLU A 208 11.11 -14.91 -8.25
C GLU A 208 11.20 -15.42 -6.80
N LYS A 209 10.56 -16.55 -6.50
CA LYS A 209 10.62 -17.24 -5.18
C LYS A 209 10.18 -16.27 -4.07
N MET A 210 9.08 -15.56 -4.29
CA MET A 210 8.57 -14.53 -3.32
C MET A 210 8.16 -15.21 -2.01
N PHE A 211 7.73 -16.48 -2.07
CA PHE A 211 7.43 -17.31 -0.87
C PHE A 211 8.69 -17.46 -0.02
N GLY A 212 9.86 -17.50 -0.67
CA GLY A 212 11.19 -17.53 -0.02
C GLY A 212 11.42 -16.30 0.84
N LYS A 213 10.87 -15.14 0.45
CA LYS A 213 11.02 -13.86 1.16
C LYS A 213 10.15 -13.89 2.44
N ILE A 214 9.05 -14.64 2.43
CA ILE A 214 8.22 -14.90 3.65
C ILE A 214 9.09 -15.72 4.63
N THR A 215 9.73 -16.78 4.14
CA THR A 215 10.64 -17.65 4.95
C THR A 215 11.76 -16.79 5.56
N GLN A 216 12.36 -15.89 4.77
CA GLN A 216 13.43 -14.97 5.23
C GLN A 216 12.89 -14.11 6.38
N PHE A 217 11.72 -13.51 6.19
CA PHE A 217 11.01 -12.68 7.20
C PHE A 217 10.87 -13.50 8.50
N GLY A 218 10.35 -14.73 8.38
CA GLY A 218 10.15 -15.66 9.51
C GLY A 218 11.45 -15.98 10.23
N GLN A 219 12.51 -16.29 9.47
CA GLN A 219 13.85 -16.65 10.01
C GLN A 219 14.44 -15.45 10.75
N VAL A 220 14.23 -14.22 10.25
CA VAL A 220 14.71 -12.97 10.90
C VAL A 220 13.91 -12.70 12.18
N VAL A 221 12.59 -12.95 12.17
CA VAL A 221 11.74 -12.82 13.39
C VAL A 221 12.31 -13.73 14.49
N LYS A 222 12.68 -14.96 14.15
CA LYS A 222 13.19 -15.98 15.10
C LYS A 222 14.43 -15.45 15.83
N LYS A 223 15.17 -14.51 15.22
CA LYS A 223 16.48 -14.00 15.72
C LYS A 223 16.30 -12.72 16.55
N GLN A 224 15.06 -12.26 16.77
CA GLN A 224 14.75 -11.10 17.64
C GLN A 224 14.58 -11.61 19.08
N LEU A 225 15.69 -11.91 19.76
CA LEU A 225 15.71 -12.51 21.12
C LEU A 225 15.53 -11.43 22.19
N ASP A 226 15.57 -10.14 21.82
CA ASP A 226 15.46 -8.99 22.76
C ASP A 226 14.00 -8.53 22.88
N ASN A 227 13.31 -8.94 23.96
CA ASN A 227 11.90 -8.62 24.26
C ASN A 227 11.71 -7.15 24.66
N LYS A 228 12.80 -6.40 24.86
CA LYS A 228 12.76 -5.00 25.34
C LYS A 228 12.71 -4.03 24.15
N ASP A 229 12.96 -4.53 22.93
CA ASP A 229 13.00 -3.74 21.68
C ASP A 229 12.09 -4.42 20.65
N ARG A 230 10.83 -3.98 20.57
CA ARG A 230 9.73 -4.69 19.86
C ARG A 230 9.13 -3.82 18.75
N LYS A 231 9.71 -2.65 18.46
CA LYS A 231 9.14 -1.65 17.50
C LYS A 231 9.02 -2.29 16.11
N TRP A 232 9.95 -3.17 15.75
CA TRP A 232 9.97 -3.95 14.47
C TRP A 232 8.62 -4.66 14.28
N ALA A 233 7.97 -5.09 15.36
CA ALA A 233 6.71 -5.87 15.32
C ALA A 233 5.54 -4.98 14.91
N PHE A 234 5.52 -3.71 15.35
CA PHE A 234 4.49 -2.71 14.94
C PHE A 234 4.66 -2.43 13.45
N THR A 235 5.90 -2.18 13.00
CA THR A 235 6.25 -1.95 11.58
C THR A 235 5.75 -3.15 10.75
N GLY A 236 6.08 -4.37 11.17
CA GLY A 236 5.65 -5.62 10.51
C GLY A 236 4.14 -5.72 10.43
N TYR A 237 3.45 -5.43 11.53
CA TYR A 237 1.96 -5.42 11.61
C TYR A 237 1.40 -4.52 10.52
N ASN A 238 1.93 -3.30 10.38
CA ASN A 238 1.44 -2.28 9.42
C ASN A 238 1.77 -2.74 7.99
N CYS A 239 2.99 -3.26 7.77
CA CYS A 239 3.49 -3.72 6.45
C CYS A 239 2.62 -4.84 5.88
N LEU A 240 2.09 -5.72 6.73
CA LEU A 240 1.37 -6.95 6.30
C LEU A 240 -0.10 -6.64 5.98
N ASN A 241 -0.58 -5.43 6.25
CA ASN A 241 -1.96 -5.02 5.86
C ASN A 241 -2.12 -5.20 4.35
N SER A 242 -1.07 -4.85 3.59
CA SER A 242 -1.03 -4.97 2.11
C SER A 242 -1.26 -6.42 1.68
N VAL A 243 -0.71 -7.38 2.42
CA VAL A 243 -0.81 -8.83 2.12
C VAL A 243 -2.23 -9.29 2.40
N VAL A 244 -2.81 -8.89 3.52
CA VAL A 244 -4.24 -9.19 3.85
C VAL A 244 -5.13 -8.62 2.74
N TYR A 245 -4.88 -7.39 2.28
CA TYR A 245 -5.68 -6.73 1.23
C TYR A 245 -5.59 -7.53 -0.08
N GLN A 246 -4.39 -7.99 -0.46
CA GLN A 246 -4.22 -8.81 -1.70
C GLN A 246 -5.05 -10.08 -1.58
N HIS A 247 -5.01 -10.76 -0.43
CA HIS A 247 -5.77 -12.02 -0.20
C HIS A 247 -7.27 -11.74 -0.35
N GLN A 248 -7.79 -10.67 0.27
CA GLN A 248 -9.23 -10.31 0.19
C GLN A 248 -9.57 -9.91 -1.24
N ASN A 249 -8.68 -9.18 -1.92
CA ASN A 249 -8.89 -8.73 -3.32
C ASN A 249 -9.05 -9.96 -4.22
N LEU A 250 -8.25 -11.01 -4.00
CA LEU A 250 -8.30 -12.26 -4.81
C LEU A 250 -9.59 -13.02 -4.51
N ILE A 251 -10.04 -13.06 -3.25
CA ILE A 251 -11.35 -13.66 -2.87
C ILE A 251 -12.44 -12.90 -3.64
N ASN A 252 -12.37 -11.57 -3.67
CA ASN A 252 -13.39 -10.72 -4.34
C ASN A 252 -13.33 -10.93 -5.87
N LEU A 253 -12.14 -11.09 -6.45
CA LEU A 253 -11.97 -11.40 -7.89
C LEU A 253 -12.62 -12.76 -8.19
N GLN A 254 -12.38 -13.77 -7.34
CA GLN A 254 -12.92 -15.15 -7.50
C GLN A 254 -14.45 -15.08 -7.60
N LYS A 255 -15.10 -14.29 -6.73
CA LYS A 255 -16.57 -14.17 -6.67
C LYS A 255 -17.06 -13.43 -7.92
N LYS A 256 -16.42 -12.32 -8.27
CA LYS A 256 -16.85 -11.46 -9.41
C LYS A 256 -16.78 -12.25 -10.73
N PHE A 257 -15.70 -12.99 -10.95
CA PHE A 257 -15.37 -13.65 -12.25
C PHE A 257 -15.58 -15.17 -12.19
N SER A 258 -16.18 -15.67 -11.10
CA SER A 258 -16.46 -17.12 -10.90
C SER A 258 -15.20 -17.94 -11.20
N LEU A 259 -14.07 -17.57 -10.61
CA LEU A 259 -12.75 -18.24 -10.83
C LEU A 259 -12.72 -19.53 -10.01
N GLU A 260 -12.05 -20.56 -10.52
CA GLU A 260 -11.68 -21.77 -9.75
C GLU A 260 -10.43 -21.43 -8.94
N MET A 261 -10.51 -21.54 -7.61
CA MET A 261 -9.37 -21.30 -6.67
C MET A 261 -9.12 -22.55 -5.86
N PRO A 262 -7.88 -22.79 -5.38
CA PRO A 262 -7.66 -23.78 -4.32
C PRO A 262 -8.54 -23.42 -3.12
N PRO A 263 -9.05 -24.42 -2.37
CA PRO A 263 -10.07 -24.17 -1.36
C PRO A 263 -9.63 -23.48 -0.06
N ASN A 264 -8.33 -23.13 0.09
CA ASN A 264 -7.75 -22.67 1.38
C ASN A 264 -7.34 -21.19 1.31
N LEU A 265 -7.86 -20.41 0.36
CA LEU A 265 -7.52 -18.96 0.22
C LEU A 265 -7.96 -18.20 1.48
N GLN A 266 -9.17 -18.44 1.99
CA GLN A 266 -9.69 -17.80 3.22
C GLN A 266 -8.82 -18.21 4.42
N GLU A 267 -8.41 -19.49 4.47
CA GLU A 267 -7.55 -20.03 5.55
C GLU A 267 -6.18 -19.30 5.51
N LEU A 268 -5.63 -19.05 4.33
CA LEU A 268 -4.35 -18.31 4.18
C LEU A 268 -4.51 -16.88 4.71
N LEU A 269 -5.60 -16.21 4.33
CA LEU A 269 -5.94 -14.84 4.82
C LEU A 269 -6.00 -14.87 6.35
N ASP A 270 -6.72 -15.86 6.91
CA ASP A 270 -6.87 -16.05 8.38
C ASP A 270 -5.49 -16.19 9.04
N ASN A 271 -4.58 -16.94 8.41
CA ASN A 271 -3.19 -17.18 8.92
C ASN A 271 -2.44 -15.84 8.97
N TRP A 272 -2.54 -15.02 7.91
CA TRP A 272 -1.91 -13.67 7.85
C TRP A 272 -2.51 -12.75 8.93
N ALA A 273 -3.82 -12.79 9.12
CA ALA A 273 -4.52 -12.00 10.18
C ALA A 273 -3.99 -12.41 11.55
N LEU A 274 -3.76 -13.71 11.77
CA LEU A 274 -3.25 -14.25 13.06
C LEU A 274 -1.81 -13.74 13.26
N ILE A 275 -0.97 -13.82 12.22
CA ILE A 275 0.43 -13.30 12.27
C ILE A 275 0.39 -11.83 12.70
N ARG A 276 -0.50 -11.02 12.10
CA ARG A 276 -0.63 -9.57 12.39
C ARG A 276 -1.08 -9.37 13.83
N LYS A 277 -2.06 -10.14 14.29
CA LYS A 277 -2.57 -10.08 15.69
C LYS A 277 -1.42 -10.36 16.66
N LYS A 278 -0.66 -11.43 16.43
CA LYS A 278 0.44 -11.86 17.33
C LYS A 278 1.56 -10.83 17.30
N LEU A 279 1.87 -10.24 16.14
CA LEU A 279 2.88 -9.15 16.01
C LEU A 279 2.43 -7.93 16.83
N PHE A 280 1.17 -7.51 16.69
CA PHE A 280 0.67 -6.28 17.37
C PHE A 280 0.69 -6.47 18.89
N GLU A 281 0.21 -7.62 19.37
CA GLU A 281 0.07 -7.90 20.82
C GLU A 281 1.49 -8.11 21.42
N TYR A 282 2.42 -8.65 20.64
CA TYR A 282 3.84 -8.75 21.03
C TYR A 282 4.41 -7.33 21.21
N TYR A 283 4.24 -6.47 20.19
CA TYR A 283 4.65 -5.04 20.24
C TYR A 283 4.02 -4.35 21.46
N SER A 284 2.69 -4.46 21.58
CA SER A 284 1.85 -3.64 22.49
C SER A 284 2.13 -3.98 23.95
N ARG A 285 2.19 -5.26 24.30
CA ARG A 285 2.29 -5.69 25.73
C ARG A 285 3.14 -6.97 25.89
N GLY A 286 3.96 -7.34 24.90
CA GLY A 286 4.92 -8.45 24.98
C GLY A 286 4.26 -9.82 24.99
N SER A 287 3.01 -9.93 24.50
CA SER A 287 2.27 -11.21 24.40
C SER A 287 2.94 -12.11 23.36
N TYR A 288 2.73 -13.43 23.47
CA TYR A 288 3.28 -14.47 22.57
C TYR A 288 4.82 -14.42 22.65
N ASN A 289 5.51 -14.97 21.66
CA ASN A 289 7.00 -14.97 21.60
C ASN A 289 7.44 -15.05 20.14
N THR A 290 8.70 -14.73 19.87
CA THR A 290 9.25 -14.59 18.49
C THR A 290 9.40 -15.97 17.84
N GLU A 291 9.59 -17.05 18.61
CA GLU A 291 9.67 -18.41 18.03
C GLU A 291 8.28 -18.82 17.53
N GLU A 292 7.24 -18.56 18.33
CA GLU A 292 5.82 -18.85 17.99
C GLU A 292 5.45 -18.12 16.69
N ILE A 293 5.77 -16.83 16.62
CA ILE A 293 5.45 -15.94 15.45
C ILE A 293 6.26 -16.41 14.23
N SER A 294 7.54 -16.74 14.43
CA SER A 294 8.44 -17.27 13.37
C SER A 294 7.87 -18.56 12.79
N ASN A 295 7.50 -19.52 13.64
CA ASN A 295 6.91 -20.83 13.23
C ASN A 295 5.69 -20.58 12.33
N LEU A 296 4.81 -19.65 12.72
CA LEU A 296 3.56 -19.35 11.96
C LEU A 296 3.92 -18.74 10.60
N ILE A 297 4.90 -17.82 10.56
CA ILE A 297 5.34 -17.14 9.31
C ILE A 297 5.95 -18.18 8.36
N CYS A 298 6.72 -19.14 8.90
CA CYS A 298 7.39 -20.20 8.10
C CYS A 298 6.37 -21.21 7.60
N LYS A 299 5.31 -21.49 8.38
CA LYS A 299 4.21 -22.40 7.99
C LYS A 299 3.43 -21.76 6.82
N VAL A 300 3.12 -20.46 6.92
CA VAL A 300 2.34 -19.74 5.88
C VAL A 300 3.18 -19.62 4.59
N ALA A 301 4.50 -19.46 4.72
CA ALA A 301 5.45 -19.40 3.57
C ALA A 301 5.25 -20.64 2.68
N SER A 302 5.29 -21.83 3.29
CA SER A 302 5.12 -23.14 2.61
C SER A 302 3.71 -23.24 2.02
N SER A 303 2.70 -22.82 2.78
CA SER A 303 1.27 -22.83 2.35
C SER A 303 1.07 -21.91 1.15
N GLU A 304 1.76 -20.76 1.12
CA GLU A 304 1.66 -19.76 0.01
C GLU A 304 2.36 -20.31 -1.24
N GLU A 305 3.52 -20.97 -1.07
CA GLU A 305 4.24 -21.65 -2.18
C GLU A 305 3.28 -22.67 -2.84
N GLN A 306 2.68 -23.54 -2.03
CA GLN A 306 1.76 -24.61 -2.50
C GLN A 306 0.54 -23.97 -3.17
N PHE A 307 -0.02 -22.92 -2.58
CA PHE A 307 -1.23 -22.22 -3.09
C PHE A 307 -0.94 -21.67 -4.49
N ALA A 308 0.18 -20.96 -4.66
CA ALA A 308 0.60 -20.35 -5.94
C ALA A 308 0.73 -21.44 -7.01
N GLN A 309 1.30 -22.60 -6.66
CA GLN A 309 1.45 -23.78 -7.56
C GLN A 309 0.07 -24.28 -7.99
N GLU A 310 -0.89 -24.37 -7.05
CA GLU A 310 -2.24 -24.91 -7.30
C GLU A 310 -3.05 -23.94 -8.17
N VAL A 311 -2.89 -22.62 -7.96
CA VAL A 311 -3.58 -21.55 -8.74
C VAL A 311 -3.18 -21.68 -10.21
N LEU A 312 -1.89 -21.93 -10.50
CA LEU A 312 -1.33 -21.97 -11.88
C LEU A 312 -1.84 -23.19 -12.64
N LYS A 313 -2.27 -24.25 -11.94
CA LYS A 313 -2.84 -25.48 -12.55
C LYS A 313 -4.26 -25.21 -13.06
N VAL A 314 -4.93 -24.19 -12.51
CA VAL A 314 -6.36 -23.86 -12.83
C VAL A 314 -6.46 -22.36 -13.16
NI NI B . -11.74 9.22 11.06
NI NI C . -9.45 2.92 17.48
N1 IMD D . -15.34 9.92 10.13
C2 IMD D . -14.11 9.60 10.53
N3 IMD D . -14.15 8.40 11.06
C4 IMD D . -15.38 7.87 10.86
C5 IMD D . -16.15 8.83 10.32
C TRS E . -8.83 6.41 13.06
C1 TRS E . -8.31 5.16 12.35
C2 TRS E . -9.63 7.31 12.12
C3 TRS E . -7.69 7.21 13.66
N TRS E . -9.66 5.95 14.23
O1 TRS E . -7.24 4.55 13.02
O2 TRS E . -11.03 7.18 12.15
O3 TRS E . -8.20 8.10 14.64
#